data_6T88
#
_entry.id   6T88
#
_cell.length_a   123.834
_cell.length_b   123.834
_cell.length_c   66.294
_cell.angle_alpha   90.000
_cell.angle_beta   90.000
_cell.angle_gamma   120.000
#
_symmetry.space_group_name_H-M   'P 31 2 1'
#
loop_
_entity.id
_entity.type
_entity.pdbx_description
1 polymer 'Urocanate reductase'
2 non-polymer GLYCEROL
3 non-polymer 'FLAVIN-ADENINE DINUCLEOTIDE'
4 non-polymer '3-(1~{H}-imidazol-5-yl)propanoic acid'
5 non-polymer 'SODIUM ION'
6 non-polymer 'CHLORIDE ION'
7 water water
#
_entity_poly.entity_id   1
_entity_poly.type   'polypeptide(L)'
_entity_poly.pdbx_seq_one_letter_code
;MEYTYDVVIIGSGGAGFSAGLEAIAAGRSAVIIEKMPIIGGNSLISGAEMNVAGSWVQKNMGITDSKELFISDTLKGGDF
KGDPEMVKTMVDNAVGAAEWLRDYVKVEFYPDQLFQFGGHSVKRALIPKGHTGAEVISKFSIKADEVGLPIHTNTKAEKL
IQDQTGRIVGVEAAHNGKTITYHAKRGVVIATGGFSSNMEMRKKYNPELDERYGSTGHAGGTGDGIVMAEKIHAAAKNMG
YIQSYPICSPTSGAIALIADSRFFGAVLINQKGERFVEELERRDVISHAILAQPGRYTYVLWNQDIENVAHTVEMHQGEL
KEFTKDGLMYKVDTLEEAAKVFNIPEDKLLSTIKDVNHYAATGKDEAFNHRSGLVDLSKGPYWILKATPSVHHTMGGLVV
DTRTRVLDEQGKVIPGLFAAGEVTGLTHGTNRLGGNAYTDIIVYGRIAGQEAAKHHHHHH
;
_entity_poly.pdbx_strand_id   A
#
# COMPACT_ATOMS: atom_id res chain seq x y z
N MET A 1 -8.27 -4.30 -34.79
CA MET A 1 -9.19 -5.01 -33.87
C MET A 1 -9.87 -3.99 -32.97
N GLU A 2 -11.16 -4.22 -32.72
CA GLU A 2 -11.93 -3.40 -31.80
CA GLU A 2 -11.91 -3.41 -31.79
C GLU A 2 -12.77 -4.33 -30.93
N TYR A 3 -13.10 -3.83 -29.74
CA TYR A 3 -13.99 -4.48 -28.80
C TYR A 3 -14.98 -3.44 -28.33
N THR A 4 -16.15 -3.90 -27.91
CA THR A 4 -17.16 -3.03 -27.32
C THR A 4 -17.68 -3.65 -26.04
N TYR A 5 -17.65 -2.85 -24.96
CA TYR A 5 -18.19 -3.23 -23.66
C TYR A 5 -18.93 -2.02 -23.10
N ASP A 6 -19.81 -2.27 -22.14
CA ASP A 6 -20.45 -1.14 -21.47
C ASP A 6 -19.44 -0.36 -20.65
N VAL A 7 -18.61 -1.07 -19.90
CA VAL A 7 -17.67 -0.46 -18.98
C VAL A 7 -16.27 -0.98 -19.28
N VAL A 8 -15.34 -0.07 -19.57
CA VAL A 8 -13.95 -0.39 -19.82
C VAL A 8 -13.14 0.12 -18.64
N ILE A 9 -12.48 -0.79 -17.94
CA ILE A 9 -11.72 -0.49 -16.74
C ILE A 9 -10.25 -0.64 -17.08
N ILE A 10 -9.46 0.36 -16.72
CA ILE A 10 -8.02 0.38 -16.97
C ILE A 10 -7.31 0.08 -15.66
N GLY A 11 -6.77 -1.14 -15.54
CA GLY A 11 -6.01 -1.58 -14.40
C GLY A 11 -6.64 -2.71 -13.62
N SER A 12 -5.82 -3.72 -13.28
CA SER A 12 -6.26 -4.92 -12.57
C SER A 12 -5.79 -4.99 -11.11
N GLY A 13 -5.70 -3.85 -10.44
CA GLY A 13 -5.53 -3.83 -9.01
C GLY A 13 -6.87 -3.93 -8.30
N GLY A 14 -6.84 -3.58 -7.01
CA GLY A 14 -8.04 -3.70 -6.20
C GLY A 14 -9.14 -2.75 -6.66
N ALA A 15 -8.76 -1.55 -7.12
CA ALA A 15 -9.79 -0.62 -7.58
C ALA A 15 -10.45 -1.14 -8.85
N GLY A 16 -9.65 -1.60 -9.81
CA GLY A 16 -10.21 -2.05 -11.07
C GLY A 16 -11.02 -3.33 -10.94
N PHE A 17 -10.54 -4.28 -10.12
CA PHE A 17 -11.31 -5.50 -9.90
C PHE A 17 -12.63 -5.18 -9.22
N SER A 18 -12.62 -4.25 -8.26
CA SER A 18 -13.84 -3.90 -7.56
C SER A 18 -14.82 -3.27 -8.51
N ALA A 19 -14.34 -2.39 -9.38
CA ALA A 19 -15.22 -1.79 -10.38
C ALA A 19 -15.75 -2.84 -11.35
N GLY A 20 -14.90 -3.77 -11.79
CA GLY A 20 -15.35 -4.77 -12.75
C GLY A 20 -16.40 -5.70 -12.18
N LEU A 21 -16.20 -6.18 -10.95
CA LEU A 21 -17.20 -7.06 -10.36
C LEU A 21 -18.52 -6.33 -10.19
N GLU A 22 -18.48 -5.06 -9.82
CA GLU A 22 -19.75 -4.34 -9.67
C GLU A 22 -20.44 -4.11 -11.02
N ALA A 23 -19.66 -3.80 -12.07
CA ALA A 23 -20.30 -3.58 -13.36
C ALA A 23 -20.97 -4.84 -13.87
N ILE A 24 -20.29 -5.99 -13.74
CA ILE A 24 -20.89 -7.25 -14.18
C ILE A 24 -22.11 -7.58 -13.34
N ALA A 25 -22.03 -7.34 -12.03
CA ALA A 25 -23.17 -7.67 -11.18
C ALA A 25 -24.38 -6.81 -11.51
N ALA A 26 -24.14 -5.60 -12.03
CA ALA A 26 -25.22 -4.71 -12.43
C ALA A 26 -25.85 -5.15 -13.74
N GLY A 27 -25.33 -6.23 -14.35
CA GLY A 27 -25.87 -6.73 -15.60
C GLY A 27 -25.27 -6.12 -16.84
N ARG A 28 -24.15 -5.42 -16.70
CA ARG A 28 -23.50 -4.78 -17.82
C ARG A 28 -22.30 -5.59 -18.26
N SER A 29 -21.92 -5.40 -19.51
CA SER A 29 -20.68 -6.00 -19.97
C SER A 29 -19.51 -5.11 -19.54
N ALA A 30 -18.37 -5.74 -19.32
CA ALA A 30 -17.22 -5.02 -18.82
C ALA A 30 -15.94 -5.79 -19.14
N VAL A 31 -14.82 -5.06 -19.15
CA VAL A 31 -13.50 -5.64 -19.35
C VAL A 31 -12.53 -4.87 -18.48
N ILE A 32 -11.47 -5.53 -18.05
CA ILE A 32 -10.31 -4.87 -17.47
C ILE A 32 -9.19 -5.00 -18.46
N ILE A 33 -8.53 -3.88 -18.78
CA ILE A 33 -7.31 -3.91 -19.57
C ILE A 33 -6.12 -3.63 -18.67
N GLU A 34 -5.10 -4.45 -18.80
CA GLU A 34 -3.95 -4.45 -17.90
C GLU A 34 -2.67 -4.48 -18.75
N LYS A 35 -1.79 -3.50 -18.50
CA LYS A 35 -0.62 -3.38 -19.38
C LYS A 35 0.46 -4.41 -19.10
N MET A 36 0.55 -4.92 -17.88
CA MET A 36 1.55 -5.92 -17.53
C MET A 36 1.11 -7.30 -17.99
N PRO A 37 2.05 -8.25 -18.00
CA PRO A 37 1.68 -9.64 -18.29
C PRO A 37 1.00 -10.37 -17.14
N ILE A 38 0.95 -9.76 -15.96
CA ILE A 38 0.35 -10.35 -14.77
C ILE A 38 -0.64 -9.35 -14.22
N ILE A 39 -1.60 -9.87 -13.45
CA ILE A 39 -2.64 -9.06 -12.87
C ILE A 39 -2.26 -8.66 -11.45
N GLY A 40 -2.81 -7.53 -11.02
CA GLY A 40 -2.83 -7.16 -9.62
C GLY A 40 -2.03 -5.92 -9.23
N GLY A 41 -1.07 -5.48 -10.03
CA GLY A 41 -0.40 -4.21 -9.76
C GLY A 41 0.23 -4.15 -8.37
N ASN A 42 0.20 -2.96 -7.78
CA ASN A 42 0.69 -2.81 -6.41
C ASN A 42 -0.24 -3.46 -5.41
N SER A 43 -1.51 -3.67 -5.76
CA SER A 43 -2.42 -4.32 -4.84
C SER A 43 -1.99 -5.74 -4.56
N LEU A 44 -1.34 -6.38 -5.53
CA LEU A 44 -0.88 -7.76 -5.41
C LEU A 44 0.26 -7.87 -4.41
N ILE A 45 1.24 -6.97 -4.49
CA ILE A 45 2.43 -7.04 -3.67
C ILE A 45 2.28 -6.28 -2.36
N SER A 46 1.16 -5.59 -2.20
CA SER A 46 0.79 -4.91 -0.99
C SER A 46 0.80 -5.81 0.22
N GLY A 47 0.95 -5.22 1.41
CA GLY A 47 0.59 -5.98 2.58
C GLY A 47 -0.89 -6.29 2.61
N ALA A 48 -1.66 -5.43 1.99
CA ALA A 48 -3.11 -5.54 1.84
C ALA A 48 -3.84 -5.45 3.18
N GLU A 49 -3.23 -4.85 4.18
CA GLU A 49 -3.93 -4.59 5.42
C GLU A 49 -4.86 -3.40 5.18
N MET A 50 -6.08 -3.50 5.71
CA MET A 50 -7.18 -2.64 5.28
C MET A 50 -7.94 -2.11 6.49
N ASN A 51 -7.92 -0.80 6.70
CA ASN A 51 -8.55 -0.22 7.87
C ASN A 51 -10.07 -0.19 7.75
N VAL A 52 -10.73 -0.59 8.84
CA VAL A 52 -12.19 -0.62 8.95
C VAL A 52 -12.55 -0.29 10.39
N ALA A 53 -13.39 0.73 10.62
CA ALA A 53 -13.89 1.00 11.97
C ALA A 53 -15.22 0.29 12.15
N GLY A 54 -15.28 -0.64 13.09
CA GLY A 54 -16.49 -1.40 13.32
C GLY A 54 -16.49 -2.75 12.65
N SER A 55 -15.34 -3.42 12.55
CA SER A 55 -15.30 -4.69 11.84
C SER A 55 -15.64 -5.87 12.75
N TRP A 56 -15.96 -7.00 12.10
CA TRP A 56 -16.21 -8.23 12.84
C TRP A 56 -14.98 -8.67 13.62
N VAL A 57 -13.80 -8.34 13.12
CA VAL A 57 -12.56 -8.71 13.80
C VAL A 57 -12.41 -7.89 15.07
N GLN A 58 -12.64 -6.59 14.99
CA GLN A 58 -12.59 -5.78 16.20
C GLN A 58 -13.56 -6.32 17.24
N LYS A 59 -14.75 -6.73 16.80
CA LYS A 59 -15.72 -7.27 17.74
C LYS A 59 -15.19 -8.55 18.38
N ASN A 60 -14.60 -9.44 17.58
CA ASN A 60 -14.03 -10.66 18.15
C ASN A 60 -12.95 -10.36 19.18
N MET A 61 -12.20 -9.26 19.00
CA MET A 61 -11.07 -8.94 19.86
C MET A 61 -11.45 -7.99 20.99
N GLY A 62 -12.71 -7.55 21.05
CA GLY A 62 -13.15 -6.64 22.09
C GLY A 62 -12.67 -5.23 21.92
N ILE A 63 -12.31 -4.82 20.70
CA ILE A 63 -11.79 -3.49 20.42
C ILE A 63 -12.94 -2.62 19.95
N THR A 64 -13.17 -1.51 20.63
CA THR A 64 -14.16 -0.55 20.17
C THR A 64 -13.53 0.50 19.27
N ASP A 65 -14.32 0.97 18.32
CA ASP A 65 -13.88 1.93 17.33
C ASP A 65 -15.11 2.73 16.93
N SER A 66 -14.91 3.76 16.13
CA SER A 66 -16.02 4.53 15.61
C SER A 66 -15.63 5.15 14.27
N LYS A 67 -16.63 5.37 13.43
CA LYS A 67 -16.40 6.07 12.17
C LYS A 67 -15.86 7.47 12.42
N GLU A 68 -16.38 8.15 13.45
N GLU A 68 -16.38 8.15 13.45
CA GLU A 68 -15.91 9.50 13.75
CA GLU A 68 -15.92 9.50 13.74
C GLU A 68 -14.41 9.51 14.01
C GLU A 68 -14.42 9.52 14.02
N LEU A 69 -13.92 8.52 14.75
CA LEU A 69 -12.51 8.48 15.11
C LEU A 69 -11.67 8.13 13.90
N PHE A 70 -12.15 7.21 13.07
CA PHE A 70 -11.43 6.86 11.85
C PHE A 70 -11.35 8.07 10.92
N ILE A 71 -12.45 8.81 10.78
CA ILE A 71 -12.42 10.02 9.97
C ILE A 71 -11.43 11.02 10.53
N SER A 72 -11.49 11.29 11.84
CA SER A 72 -10.62 12.31 12.41
CA SER A 72 -10.62 12.30 12.42
C SER A 72 -9.16 11.88 12.35
N ASP A 73 -8.87 10.60 12.61
CA ASP A 73 -7.51 10.11 12.47
C ASP A 73 -7.00 10.33 11.05
N THR A 74 -7.83 10.01 10.06
CA THR A 74 -7.42 10.11 8.67
C THR A 74 -7.17 11.57 8.29
N LEU A 75 -8.12 12.46 8.61
CA LEU A 75 -7.95 13.85 8.21
C LEU A 75 -6.74 14.46 8.89
N LYS A 76 -6.56 14.20 10.17
CA LYS A 76 -5.37 14.70 10.86
C LYS A 76 -4.08 14.14 10.26
N GLY A 77 -4.11 12.86 9.88
CA GLY A 77 -2.93 12.24 9.30
C GLY A 77 -2.43 12.95 8.06
N GLY A 78 -3.35 13.44 7.23
CA GLY A 78 -3.03 14.18 6.02
C GLY A 78 -2.98 15.68 6.20
N ASP A 79 -2.70 16.13 7.44
CA ASP A 79 -2.51 17.55 7.77
C ASP A 79 -3.74 18.37 7.40
N PHE A 80 -4.90 17.76 7.54
CA PHE A 80 -6.20 18.42 7.35
C PHE A 80 -6.39 18.90 5.92
N LYS A 81 -5.67 18.30 4.98
CA LYS A 81 -5.75 18.71 3.56
C LYS A 81 -6.65 17.79 2.75
N GLY A 82 -6.97 16.62 3.24
CA GLY A 82 -7.86 15.74 2.52
C GLY A 82 -9.26 16.31 2.41
N ASP A 83 -9.97 15.87 1.41
CA ASP A 83 -11.33 16.31 1.22
C ASP A 83 -12.20 15.63 2.27
N PRO A 84 -12.87 16.36 3.15
CA PRO A 84 -13.63 15.69 4.21
C PRO A 84 -14.73 14.77 3.69
N GLU A 85 -15.37 15.10 2.57
CA GLU A 85 -16.42 14.23 2.05
C GLU A 85 -15.84 12.95 1.48
N MET A 86 -14.67 13.02 0.86
N MET A 86 -14.67 13.03 0.85
CA MET A 86 -14.03 11.81 0.37
CA MET A 86 -14.02 11.82 0.36
C MET A 86 -13.61 10.90 1.52
C MET A 86 -13.63 10.91 1.50
N VAL A 87 -13.13 11.48 2.60
CA VAL A 87 -12.79 10.66 3.76
C VAL A 87 -14.04 10.07 4.38
N LYS A 88 -15.09 10.89 4.53
CA LYS A 88 -16.33 10.39 5.12
C LYS A 88 -16.91 9.23 4.31
N THR A 89 -16.93 9.36 2.99
CA THR A 89 -17.49 8.29 2.15
C THR A 89 -16.62 7.04 2.22
N MET A 90 -15.30 7.20 2.31
CA MET A 90 -14.43 6.04 2.48
C MET A 90 -14.76 5.32 3.78
N VAL A 91 -14.84 6.07 4.87
CA VAL A 91 -15.07 5.46 6.18
C VAL A 91 -16.48 4.89 6.27
N ASP A 92 -17.46 5.61 5.75
CA ASP A 92 -18.84 5.15 5.83
C ASP A 92 -19.04 3.82 5.11
N ASN A 93 -18.24 3.54 4.08
CA ASN A 93 -18.40 2.34 3.27
C ASN A 93 -17.39 1.25 3.57
N ALA A 94 -16.50 1.47 4.54
CA ALA A 94 -15.42 0.53 4.79
C ALA A 94 -15.92 -0.81 5.29
N VAL A 95 -16.87 -0.82 6.23
CA VAL A 95 -17.40 -2.09 6.72
C VAL A 95 -18.01 -2.88 5.57
N GLY A 96 -18.83 -2.21 4.77
CA GLY A 96 -19.46 -2.88 3.65
C GLY A 96 -18.44 -3.41 2.66
N ALA A 97 -17.38 -2.63 2.43
CA ALA A 97 -16.34 -3.06 1.50
C ALA A 97 -15.64 -4.32 1.99
N ALA A 98 -15.28 -4.34 3.27
CA ALA A 98 -14.59 -5.51 3.82
C ALA A 98 -15.51 -6.72 3.89
N GLU A 99 -16.77 -6.53 4.26
CA GLU A 99 -17.71 -7.65 4.28
C GLU A 99 -17.96 -8.18 2.87
N TRP A 100 -17.93 -7.30 1.87
CA TRP A 100 -18.05 -7.71 0.48
C TRP A 100 -16.84 -8.51 0.03
N LEU A 101 -15.63 -8.08 0.40
CA LEU A 101 -14.47 -8.91 0.11
C LEU A 101 -14.61 -10.27 0.75
N ARG A 102 -15.08 -10.31 2.00
CA ARG A 102 -15.23 -11.57 2.71
C ARG A 102 -16.30 -12.46 2.08
N ASP A 103 -17.46 -11.89 1.82
CA ASP A 103 -18.62 -12.70 1.49
C ASP A 103 -18.83 -12.90 0.00
N TYR A 104 -18.48 -11.93 -0.82
CA TYR A 104 -18.66 -12.03 -2.26
C TYR A 104 -17.38 -12.48 -2.96
N VAL A 105 -16.26 -11.86 -2.63
CA VAL A 105 -14.98 -12.23 -3.27
C VAL A 105 -14.34 -13.44 -2.60
N LYS A 106 -14.74 -13.76 -1.37
CA LYS A 106 -14.23 -14.89 -0.60
C LYS A 106 -12.80 -14.69 -0.12
N VAL A 107 -12.39 -13.44 0.06
CA VAL A 107 -11.12 -13.14 0.73
C VAL A 107 -11.19 -13.64 2.16
N GLU A 108 -10.15 -14.33 2.59
CA GLU A 108 -10.07 -14.77 3.98
C GLU A 108 -9.18 -13.80 4.76
N PHE A 109 -9.71 -13.30 5.86
CA PHE A 109 -8.99 -12.45 6.78
C PHE A 109 -8.80 -13.18 8.10
N TYR A 110 -7.71 -12.90 8.80
CA TYR A 110 -7.62 -13.47 10.13
C TYR A 110 -8.77 -12.97 11.00
N PRO A 111 -9.37 -13.84 11.81
CA PRO A 111 -10.55 -13.41 12.58
C PRO A 111 -10.19 -12.64 13.84
N ASP A 112 -8.91 -12.59 14.19
CA ASP A 112 -8.51 -12.20 15.53
C ASP A 112 -7.15 -11.53 15.55
N GLN A 113 -6.75 -10.94 14.43
CA GLN A 113 -5.52 -10.17 14.36
C GLN A 113 -5.82 -8.89 13.60
N LEU A 114 -5.19 -7.81 14.05
CA LEU A 114 -5.26 -6.51 13.39
C LEU A 114 -3.92 -5.82 13.52
N PHE A 115 -3.63 -4.95 12.57
CA PHE A 115 -2.49 -4.06 12.71
C PHE A 115 -2.97 -2.66 13.10
N GLN A 116 -2.16 -1.96 13.88
CA GLN A 116 -2.39 -0.55 14.20
C GLN A 116 -1.30 0.27 13.53
N PHE A 117 -1.62 0.85 12.38
CA PHE A 117 -0.64 1.65 11.68
C PHE A 117 -0.51 3.02 12.33
N GLY A 118 0.56 3.72 11.98
CA GLY A 118 0.77 5.04 12.53
C GLY A 118 -0.41 5.95 12.26
N GLY A 119 -0.74 6.78 13.25
CA GLY A 119 -1.80 7.73 13.12
C GLY A 119 -3.17 7.19 13.45
N HIS A 120 -3.30 5.88 13.64
CA HIS A 120 -4.57 5.29 14.01
C HIS A 120 -4.68 5.19 15.53
N SER A 121 -5.81 5.66 16.04
CA SER A 121 -6.03 5.70 17.47
C SER A 121 -6.31 4.33 18.06
N VAL A 122 -6.79 3.38 17.25
CA VAL A 122 -7.07 2.02 17.70
C VAL A 122 -6.60 1.07 16.60
N LYS A 123 -6.36 -0.18 16.98
CA LYS A 123 -6.07 -1.22 15.99
C LYS A 123 -7.28 -1.36 15.09
N ARG A 124 -7.10 -1.20 13.78
CA ARG A 124 -8.24 -1.32 12.89
C ARG A 124 -7.93 -1.89 11.50
N ALA A 125 -6.71 -2.34 11.23
CA ALA A 125 -6.36 -2.86 9.91
C ALA A 125 -6.57 -4.36 9.89
N LEU A 126 -7.55 -4.79 9.11
CA LEU A 126 -7.77 -6.19 8.81
C LEU A 126 -6.56 -6.75 8.07
N ILE A 127 -6.32 -8.04 8.29
CA ILE A 127 -5.14 -8.69 7.73
C ILE A 127 -5.59 -9.85 6.86
N PRO A 128 -5.31 -9.84 5.57
N PRO A 128 -5.40 -9.81 5.55
CA PRO A 128 -5.63 -11.00 4.73
CA PRO A 128 -5.66 -11.00 4.74
C PRO A 128 -4.70 -12.15 5.03
C PRO A 128 -4.73 -12.16 5.10
N LYS A 129 -5.26 -13.36 4.92
CA LYS A 129 -4.45 -14.56 5.05
C LYS A 129 -3.16 -14.39 4.25
N GLY A 130 -2.04 -14.72 4.88
CA GLY A 130 -0.75 -14.60 4.24
C GLY A 130 -0.07 -13.24 4.40
N HIS A 131 -0.76 -12.23 4.92
CA HIS A 131 -0.16 -10.91 5.16
C HIS A 131 0.35 -10.27 3.87
N THR A 132 -0.33 -10.52 2.75
CA THR A 132 -0.01 -9.86 1.50
C THR A 132 -1.28 -9.79 0.68
N GLY A 133 -1.22 -9.04 -0.41
CA GLY A 133 -2.28 -8.99 -1.39
C GLY A 133 -2.41 -10.21 -2.26
N ALA A 134 -1.56 -11.22 -2.09
CA ALA A 134 -1.69 -12.44 -2.88
C ALA A 134 -3.07 -13.04 -2.71
N GLU A 135 -3.56 -13.10 -1.46
CA GLU A 135 -4.87 -13.67 -1.19
C GLU A 135 -5.96 -12.86 -1.86
N VAL A 136 -5.84 -11.53 -1.82
CA VAL A 136 -6.89 -10.69 -2.38
C VAL A 136 -6.97 -10.83 -3.89
N ILE A 137 -5.83 -10.68 -4.57
CA ILE A 137 -5.83 -10.73 -6.03
C ILE A 137 -6.19 -12.13 -6.53
N SER A 138 -5.73 -13.17 -5.83
N SER A 138 -5.71 -13.17 -5.86
CA SER A 138 -6.03 -14.51 -6.31
CA SER A 138 -6.06 -14.51 -6.32
C SER A 138 -7.52 -14.80 -6.19
C SER A 138 -7.57 -14.71 -6.25
N LYS A 139 -8.16 -14.32 -5.12
CA LYS A 139 -9.59 -14.50 -4.98
C LYS A 139 -10.37 -13.62 -5.96
N PHE A 140 -9.94 -12.38 -6.16
CA PHE A 140 -10.58 -11.54 -7.17
C PHE A 140 -10.52 -12.22 -8.54
N SER A 141 -9.36 -12.77 -8.89
N SER A 141 -9.37 -12.82 -8.89
CA SER A 141 -9.22 -13.40 -10.20
CA SER A 141 -9.20 -13.41 -10.21
C SER A 141 -10.19 -14.57 -10.36
C SER A 141 -10.08 -14.64 -10.40
N ILE A 142 -10.32 -15.39 -9.33
CA ILE A 142 -11.24 -16.53 -9.36
C ILE A 142 -12.66 -16.04 -9.52
N LYS A 143 -13.04 -15.03 -8.75
CA LYS A 143 -14.40 -14.52 -8.85
C LYS A 143 -14.66 -13.89 -10.22
N ALA A 144 -13.69 -13.15 -10.75
CA ALA A 144 -13.83 -12.58 -12.09
C ALA A 144 -14.07 -13.67 -13.13
N ASP A 145 -13.30 -14.75 -13.04
CA ASP A 145 -13.49 -15.83 -13.99
C ASP A 145 -14.88 -16.43 -13.84
N GLU A 146 -15.36 -16.59 -12.59
CA GLU A 146 -16.67 -17.20 -12.36
CA GLU A 146 -16.67 -17.21 -12.38
C GLU A 146 -17.78 -16.36 -12.96
N VAL A 147 -17.71 -15.03 -12.79
CA VAL A 147 -18.81 -14.17 -13.17
C VAL A 147 -18.72 -13.73 -14.63
N GLY A 148 -17.61 -14.02 -15.30
CA GLY A 148 -17.43 -13.69 -16.69
C GLY A 148 -16.90 -12.30 -16.94
N LEU A 149 -15.98 -11.84 -16.09
CA LEU A 149 -15.28 -10.57 -16.30
C LEU A 149 -13.97 -10.85 -17.00
N PRO A 150 -13.80 -10.47 -18.26
CA PRO A 150 -12.51 -10.71 -18.94
C PRO A 150 -11.47 -9.69 -18.54
N ILE A 151 -10.22 -10.15 -18.50
CA ILE A 151 -9.05 -9.33 -18.22
C ILE A 151 -8.08 -9.53 -19.36
N HIS A 152 -7.76 -8.44 -20.05
CA HIS A 152 -6.87 -8.46 -21.21
C HIS A 152 -5.51 -7.95 -20.72
N THR A 153 -4.57 -8.87 -20.53
CA THR A 153 -3.24 -8.52 -20.12
C THR A 153 -2.40 -8.08 -21.31
N ASN A 154 -1.20 -7.60 -21.01
CA ASN A 154 -0.31 -7.08 -22.05
C ASN A 154 -1.02 -6.08 -22.95
N THR A 155 -1.91 -5.29 -22.38
CA THR A 155 -2.73 -4.35 -23.15
C THR A 155 -2.60 -2.99 -22.46
N LYS A 156 -1.94 -2.05 -23.11
CA LYS A 156 -1.63 -0.77 -22.49
C LYS A 156 -2.54 0.34 -23.03
N ALA A 157 -3.36 0.89 -22.16
CA ALA A 157 -4.15 2.06 -22.56
C ALA A 157 -3.21 3.22 -22.85
N GLU A 158 -3.45 3.88 -23.98
CA GLU A 158 -2.63 5.00 -24.44
C GLU A 158 -3.39 6.30 -24.65
N LYS A 159 -4.69 6.24 -24.94
CA LYS A 159 -5.46 7.44 -25.26
C LYS A 159 -6.91 7.21 -24.89
N LEU A 160 -7.53 8.19 -24.22
CA LEU A 160 -8.98 8.21 -24.07
C LEU A 160 -9.59 8.80 -25.31
N ILE A 161 -10.71 8.22 -25.74
CA ILE A 161 -11.45 8.65 -26.93
C ILE A 161 -12.58 9.53 -26.43
N GLN A 162 -12.65 10.77 -26.95
CA GLN A 162 -13.62 11.77 -26.50
C GLN A 162 -14.43 12.19 -27.71
N ASP A 163 -15.76 12.13 -27.60
CA ASP A 163 -16.61 12.50 -28.72
C ASP A 163 -16.81 14.02 -28.72
N GLN A 164 -17.59 14.49 -29.68
CA GLN A 164 -17.67 15.93 -29.88
C GLN A 164 -18.42 16.64 -28.77
N THR A 165 -19.19 15.90 -27.95
CA THR A 165 -19.85 16.48 -26.80
C THR A 165 -18.95 16.54 -25.58
N GLY A 166 -17.76 15.94 -25.63
CA GLY A 166 -16.89 15.90 -24.49
C GLY A 166 -17.00 14.62 -23.68
N ARG A 167 -17.88 13.72 -24.08
CA ARG A 167 -18.01 12.46 -23.38
C ARG A 167 -16.87 11.51 -23.74
N ILE A 168 -16.35 10.81 -22.73
CA ILE A 168 -15.37 9.76 -22.98
C ILE A 168 -16.11 8.49 -23.37
N VAL A 169 -15.77 7.95 -24.54
CA VAL A 169 -16.53 6.87 -25.18
C VAL A 169 -15.65 5.67 -25.50
N GLY A 170 -14.39 5.67 -25.06
CA GLY A 170 -13.57 4.51 -25.29
C GLY A 170 -12.13 4.79 -24.95
N VAL A 171 -11.29 3.79 -25.25
CA VAL A 171 -9.87 3.80 -24.96
C VAL A 171 -9.15 3.17 -26.13
N GLU A 172 -8.05 3.78 -26.58
CA GLU A 172 -7.14 3.15 -27.52
C GLU A 172 -6.02 2.54 -26.71
N ALA A 173 -5.71 1.28 -27.00
CA ALA A 173 -4.67 0.57 -26.26
C ALA A 173 -3.74 -0.17 -27.21
N ALA A 174 -2.53 -0.43 -26.75
CA ALA A 174 -1.54 -1.15 -27.54
C ALA A 174 -1.46 -2.61 -27.07
N HIS A 175 -1.41 -3.53 -28.02
CA HIS A 175 -1.30 -4.95 -27.69
C HIS A 175 -0.54 -5.60 -28.84
N ASN A 176 0.58 -6.25 -28.52
CA ASN A 176 1.40 -6.94 -29.53
C ASN A 176 1.73 -6.03 -30.71
N GLY A 177 2.00 -4.77 -30.41
CA GLY A 177 2.49 -3.86 -31.41
C GLY A 177 1.43 -3.24 -32.28
N LYS A 178 0.16 -3.42 -31.93
CA LYS A 178 -0.94 -2.87 -32.71
C LYS A 178 -1.86 -2.10 -31.76
N THR A 179 -2.60 -1.16 -32.31
CA THR A 179 -3.60 -0.43 -31.54
C THR A 179 -4.94 -1.14 -31.62
N ILE A 180 -5.54 -1.34 -30.46
CA ILE A 180 -6.87 -1.91 -30.33
C ILE A 180 -7.78 -0.84 -29.75
N THR A 181 -8.95 -0.68 -30.33
CA THR A 181 -9.93 0.28 -29.84
C THR A 181 -10.96 -0.43 -28.99
N TYR A 182 -11.13 0.06 -27.77
CA TYR A 182 -12.12 -0.41 -26.82
C TYR A 182 -13.22 0.65 -26.75
N HIS A 183 -14.37 0.34 -27.32
CA HIS A 183 -15.52 1.23 -27.21
C HIS A 183 -16.18 0.97 -25.88
N ALA A 184 -16.49 2.05 -25.16
CA ALA A 184 -17.13 1.98 -23.84
C ALA A 184 -18.49 2.67 -23.94
N LYS A 185 -19.56 1.88 -23.95
CA LYS A 185 -20.90 2.45 -24.18
C LYS A 185 -21.37 3.25 -22.97
N ARG A 186 -20.96 2.87 -21.76
CA ARG A 186 -21.45 3.53 -20.56
C ARG A 186 -20.37 4.24 -19.77
N GLY A 187 -19.17 3.71 -19.69
CA GLY A 187 -18.14 4.44 -18.98
C GLY A 187 -16.78 3.82 -19.07
N VAL A 188 -15.78 4.66 -18.84
CA VAL A 188 -14.39 4.27 -18.69
C VAL A 188 -13.99 4.53 -17.24
N VAL A 189 -13.40 3.54 -16.60
CA VAL A 189 -12.90 3.66 -15.24
C VAL A 189 -11.38 3.62 -15.26
N ILE A 190 -10.74 4.71 -14.84
CA ILE A 190 -9.30 4.78 -14.71
C ILE A 190 -8.96 4.25 -13.32
N ALA A 191 -8.27 3.11 -13.28
CA ALA A 191 -7.90 2.46 -12.02
C ALA A 191 -6.43 2.04 -12.08
N THR A 192 -5.59 2.95 -12.53
CA THR A 192 -4.22 2.64 -12.95
C THR A 192 -3.18 2.73 -11.85
N GLY A 193 -3.56 3.10 -10.64
CA GLY A 193 -2.57 3.16 -9.57
C GLY A 193 -1.80 4.46 -9.55
N GLY A 194 -0.65 4.43 -8.88
CA GLY A 194 0.15 5.60 -8.62
C GLY A 194 1.33 5.75 -9.58
N PHE A 195 2.23 6.66 -9.22
CA PHE A 195 3.41 6.94 -10.03
C PHE A 195 4.73 6.80 -9.25
N SER A 196 4.75 5.93 -8.23
CA SER A 196 5.98 5.76 -7.46
C SER A 196 7.15 5.26 -8.30
N SER A 197 6.89 4.60 -9.44
CA SER A 197 7.95 4.08 -10.29
C SER A 197 8.19 4.91 -11.55
N ASN A 198 7.71 6.15 -11.57
CA ASN A 198 8.01 7.08 -12.67
C ASN A 198 8.93 8.15 -12.12
N MET A 199 10.22 7.99 -12.43
CA MET A 199 11.23 8.87 -11.88
C MET A 199 11.03 10.31 -12.34
N GLU A 200 10.69 10.50 -13.61
CA GLU A 200 10.61 11.87 -14.10
C GLU A 200 9.41 12.57 -13.50
N MET A 201 8.30 11.86 -13.31
CA MET A 201 7.12 12.46 -12.70
C MET A 201 7.37 12.75 -11.22
N ARG A 202 8.04 11.83 -10.50
CA ARG A 202 8.44 12.11 -9.13
C ARG A 202 9.27 13.40 -9.05
N LYS A 203 10.30 13.50 -9.88
CA LYS A 203 11.19 14.66 -9.82
C LYS A 203 10.48 15.95 -10.21
N LYS A 204 9.50 15.85 -11.10
CA LYS A 204 8.75 17.05 -11.50
C LYS A 204 7.99 17.65 -10.33
N TYR A 205 7.36 16.81 -9.52
CA TYR A 205 6.45 17.26 -8.48
C TYR A 205 7.08 17.27 -7.09
N ASN A 206 8.16 16.54 -6.89
CA ASN A 206 8.85 16.49 -5.59
C ASN A 206 10.32 16.21 -5.85
N PRO A 207 11.10 17.27 -6.09
N PRO A 207 11.09 17.27 -6.13
CA PRO A 207 12.47 17.07 -6.60
CA PRO A 207 12.47 17.07 -6.60
C PRO A 207 13.42 16.36 -5.63
C PRO A 207 13.36 16.28 -5.65
N GLU A 208 13.06 16.25 -4.35
CA GLU A 208 13.90 15.46 -3.43
C GLU A 208 13.84 13.97 -3.77
N LEU A 209 12.72 13.50 -4.34
CA LEU A 209 12.52 12.06 -4.48
C LEU A 209 13.07 11.57 -5.81
N ASP A 210 14.37 11.81 -5.97
CA ASP A 210 15.07 11.56 -7.21
C ASP A 210 15.73 10.18 -7.19
N GLU A 211 16.77 10.01 -7.99
CA GLU A 211 17.40 8.70 -8.18
C GLU A 211 18.06 8.19 -6.92
N ARG A 212 18.16 9.02 -5.87
CA ARG A 212 18.69 8.53 -4.61
C ARG A 212 17.74 7.56 -3.94
N TYR A 213 16.49 7.51 -4.39
CA TYR A 213 15.48 6.66 -3.77
C TYR A 213 14.95 5.65 -4.78
N GLY A 214 14.77 4.42 -4.31
CA GLY A 214 14.04 3.42 -5.05
C GLY A 214 12.55 3.63 -4.98
N SER A 215 11.83 2.64 -5.49
CA SER A 215 10.39 2.51 -5.39
C SER A 215 10.05 1.14 -4.83
N THR A 216 9.03 1.09 -3.95
CA THR A 216 8.52 -0.18 -3.46
C THR A 216 7.53 -0.82 -4.43
N GLY A 217 7.19 -0.15 -5.52
CA GLY A 217 6.12 -0.58 -6.38
C GLY A 217 6.59 -1.33 -7.59
N HIS A 218 5.62 -1.89 -8.31
CA HIS A 218 5.91 -2.61 -9.52
C HIS A 218 6.28 -1.62 -10.61
N ALA A 219 6.85 -2.15 -11.70
CA ALA A 219 7.31 -1.30 -12.78
C ALA A 219 6.19 -0.56 -13.50
N GLY A 220 4.96 -1.04 -13.44
CA GLY A 220 3.84 -0.41 -14.11
C GLY A 220 3.23 0.79 -13.42
N GLY A 221 3.72 1.17 -12.24
CA GLY A 221 3.21 2.31 -11.49
C GLY A 221 3.78 3.61 -12.00
N THR A 222 3.35 4.04 -13.17
CA THR A 222 4.02 5.13 -13.88
C THR A 222 3.14 6.35 -14.16
N GLY A 223 1.93 6.43 -13.59
CA GLY A 223 1.14 7.64 -13.70
C GLY A 223 0.36 7.78 -14.99
N ASP A 224 0.22 6.70 -15.76
CA ASP A 224 -0.34 6.80 -17.11
C ASP A 224 -1.76 7.30 -17.07
N GLY A 225 -2.53 6.94 -16.03
CA GLY A 225 -3.91 7.36 -15.96
C GLY A 225 -4.06 8.85 -15.78
N ILE A 226 -3.15 9.47 -15.02
CA ILE A 226 -3.15 10.93 -14.87
C ILE A 226 -2.82 11.60 -16.20
N VAL A 227 -1.79 11.11 -16.88
CA VAL A 227 -1.38 11.72 -18.14
C VAL A 227 -2.49 11.63 -19.17
N MET A 228 -3.13 10.47 -19.32
CA MET A 228 -4.17 10.29 -20.33
CA MET A 228 -4.14 10.34 -20.36
C MET A 228 -5.36 11.19 -20.03
N ALA A 229 -5.71 11.34 -18.77
CA ALA A 229 -6.86 12.14 -18.41
C ALA A 229 -6.55 13.63 -18.52
N GLU A 230 -5.35 14.04 -18.14
CA GLU A 230 -5.01 15.45 -18.31
C GLU A 230 -5.09 15.88 -19.78
N LYS A 231 -4.83 14.95 -20.70
CA LYS A 231 -4.87 15.27 -22.13
C LYS A 231 -6.27 15.70 -22.56
N ILE A 232 -7.30 15.19 -21.88
CA ILE A 232 -8.68 15.59 -22.13
C ILE A 232 -9.19 16.56 -21.06
N HIS A 233 -8.26 17.21 -20.33
CA HIS A 233 -8.52 18.34 -19.45
C HIS A 233 -9.11 17.96 -18.10
N ALA A 234 -8.91 16.72 -17.66
CA ALA A 234 -9.18 16.39 -16.27
C ALA A 234 -8.23 17.15 -15.37
N ALA A 235 -8.73 17.56 -14.22
CA ALA A 235 -7.90 18.21 -13.22
C ALA A 235 -7.15 17.20 -12.37
N ALA A 236 -5.99 17.62 -11.87
CA ALA A 236 -5.22 16.86 -10.91
C ALA A 236 -4.85 17.78 -9.76
N LYS A 237 -4.56 17.18 -8.60
CA LYS A 237 -4.27 17.93 -7.40
C LYS A 237 -3.30 17.12 -6.54
N ASN A 238 -2.57 17.84 -5.69
CA ASN A 238 -1.78 17.22 -4.62
C ASN A 238 -0.65 16.35 -5.16
N MET A 239 -0.19 16.63 -6.38
CA MET A 239 0.74 15.73 -7.04
C MET A 239 2.09 15.69 -6.35
N GLY A 240 2.47 16.77 -5.67
CA GLY A 240 3.74 16.79 -4.95
C GLY A 240 3.77 16.02 -3.64
N TYR A 241 2.62 15.57 -3.16
CA TYR A 241 2.57 14.84 -1.89
C TYR A 241 2.83 13.37 -2.18
N ILE A 242 4.04 12.94 -1.87
CA ILE A 242 4.52 11.60 -2.19
C ILE A 242 5.16 11.04 -0.95
N GLN A 243 4.74 9.84 -0.53
CA GLN A 243 5.29 9.28 0.68
C GLN A 243 6.24 8.14 0.41
N SER A 244 7.18 7.98 1.33
CA SER A 244 8.10 6.85 1.36
CA SER A 244 8.09 6.85 1.35
C SER A 244 7.69 5.90 2.47
N TYR A 245 8.26 4.70 2.43
CA TYR A 245 8.13 3.73 3.50
C TYR A 245 9.53 3.52 4.09
N PRO A 246 9.68 3.40 5.41
CA PRO A 246 11.02 3.47 5.99
C PRO A 246 11.89 2.26 5.76
N ILE A 247 11.31 1.07 5.71
CA ILE A 247 12.07 -0.17 5.82
C ILE A 247 11.99 -0.92 4.50
N CYS A 248 12.90 -0.61 3.59
CA CYS A 248 12.91 -1.13 2.24
C CYS A 248 14.32 -1.54 1.83
N SER A 249 14.39 -2.33 0.76
CA SER A 249 15.67 -2.81 0.26
C SER A 249 16.53 -1.70 -0.31
N PRO A 250 17.76 -1.51 0.18
CA PRO A 250 18.66 -0.54 -0.46
C PRO A 250 19.00 -0.87 -1.90
N THR A 251 18.87 -2.13 -2.32
CA THR A 251 19.25 -2.55 -3.66
C THR A 251 18.10 -2.45 -4.63
N SER A 252 16.93 -2.96 -4.27
CA SER A 252 15.83 -3.05 -5.22
C SER A 252 14.74 -2.00 -5.00
N GLY A 253 14.71 -1.38 -3.81
CA GLY A 253 13.63 -0.48 -3.41
C GLY A 253 12.44 -1.17 -2.79
N ALA A 254 12.37 -2.50 -2.87
CA ALA A 254 11.19 -3.23 -2.43
C ALA A 254 10.95 -3.03 -0.93
N ILE A 255 9.68 -3.02 -0.56
CA ILE A 255 9.34 -3.01 0.84
C ILE A 255 9.85 -4.28 1.50
N ALA A 256 10.16 -4.18 2.80
CA ALA A 256 10.49 -5.40 3.56
C ALA A 256 9.32 -5.78 4.46
N LEU A 257 8.33 -6.49 3.91
CA LEU A 257 7.28 -7.02 4.77
C LEU A 257 7.84 -7.97 5.82
N ILE A 258 8.97 -8.62 5.54
CA ILE A 258 9.59 -9.51 6.53
C ILE A 258 9.93 -8.74 7.80
N ALA A 259 10.17 -7.43 7.69
CA ALA A 259 10.45 -6.57 8.81
C ALA A 259 9.22 -6.10 9.53
N ASP A 260 8.05 -6.63 9.22
CA ASP A 260 6.89 -6.39 10.08
C ASP A 260 7.10 -6.99 11.46
N SER A 261 8.20 -7.73 11.66
CA SER A 261 8.63 -8.08 13.02
C SER A 261 8.83 -6.84 13.91
N ARG A 262 8.96 -5.65 13.32
CA ARG A 262 8.96 -4.39 14.06
C ARG A 262 7.71 -4.23 14.92
N PHE A 263 6.59 -4.82 14.52
CA PHE A 263 5.39 -4.70 15.34
CA PHE A 263 5.36 -4.74 15.30
C PHE A 263 5.39 -5.68 16.51
N PHE A 264 6.43 -6.51 16.61
CA PHE A 264 6.44 -7.60 17.57
C PHE A 264 7.71 -7.62 18.41
N GLY A 265 8.52 -6.57 18.34
CA GLY A 265 9.72 -6.48 19.17
C GLY A 265 11.02 -6.35 18.43
N ALA A 266 11.06 -6.43 17.11
CA ALA A 266 12.32 -6.20 16.43
C ALA A 266 12.84 -4.80 16.74
N VAL A 267 14.16 -4.67 16.87
CA VAL A 267 14.80 -3.38 17.17
C VAL A 267 15.52 -2.83 15.93
N LEU A 268 15.61 -1.50 15.87
N LEU A 268 15.57 -1.51 15.84
CA LEU A 268 16.30 -0.80 14.79
CA LEU A 268 16.32 -0.83 14.80
C LEU A 268 17.67 -0.38 15.33
C LEU A 268 17.67 -0.45 15.38
N ILE A 269 18.74 -0.83 14.67
CA ILE A 269 20.11 -0.63 15.12
C ILE A 269 20.86 0.09 14.01
N ASN A 270 21.57 1.16 14.36
CA ASN A 270 22.33 1.87 13.35
C ASN A 270 23.72 1.25 13.19
N GLN A 271 24.52 1.81 12.28
CA GLN A 271 25.84 1.25 12.00
C GLN A 271 26.75 1.30 13.23
N LYS A 272 26.45 2.15 14.20
CA LYS A 272 27.25 2.27 15.41
C LYS A 272 26.81 1.27 16.48
N GLY A 273 25.81 0.44 16.20
CA GLY A 273 25.38 -0.51 17.19
C GLY A 273 24.39 0.00 18.19
N GLU A 274 23.71 1.11 17.89
CA GLU A 274 22.84 1.80 18.81
C GLU A 274 21.41 1.81 18.30
N ARG A 275 20.51 1.98 19.26
CA ARG A 275 19.05 2.15 19.07
C ARG A 275 18.92 3.67 18.94
N PHE A 276 18.12 4.14 17.99
CA PHE A 276 18.07 5.57 17.67
C PHE A 276 16.66 6.13 17.51
N VAL A 277 15.62 5.28 17.49
CA VAL A 277 14.25 5.75 17.37
C VAL A 277 13.34 4.67 17.96
N GLU A 278 12.25 5.09 18.57
CA GLU A 278 11.21 4.14 18.95
C GLU A 278 10.72 3.41 17.70
N GLU A 279 10.70 2.08 17.78
CA GLU A 279 10.46 1.27 16.60
C GLU A 279 9.02 1.35 16.11
N LEU A 280 8.14 1.89 16.92
CA LEU A 280 6.73 2.05 16.56
C LEU A 280 6.32 3.51 16.48
N GLU A 281 7.28 4.41 16.31
CA GLU A 281 6.93 5.79 16.03
C GLU A 281 6.21 5.90 14.69
N ARG A 282 5.64 7.09 14.45
N ARG A 282 5.67 7.09 14.44
CA ARG A 282 4.99 7.39 13.17
CA ARG A 282 5.03 7.38 13.17
C ARG A 282 5.95 7.11 12.01
C ARG A 282 5.97 7.09 12.00
N ARG A 283 5.36 6.66 10.90
CA ARG A 283 6.14 6.18 9.76
C ARG A 283 7.19 7.17 9.29
N ASP A 284 6.79 8.43 9.10
N ASP A 284 6.80 8.42 9.08
CA ASP A 284 7.73 9.42 8.58
CA ASP A 284 7.78 9.35 8.55
C ASP A 284 8.80 9.76 9.60
C ASP A 284 8.80 9.80 9.59
N VAL A 285 8.47 9.68 10.89
CA VAL A 285 9.46 9.89 11.92
C VAL A 285 10.56 8.82 11.81
N ILE A 286 10.15 7.56 11.63
CA ILE A 286 11.13 6.50 11.46
C ILE A 286 11.98 6.74 10.21
N SER A 287 11.35 7.15 9.11
CA SER A 287 12.12 7.42 7.90
C SER A 287 13.12 8.52 8.14
N HIS A 288 12.69 9.62 8.76
CA HIS A 288 13.61 10.71 8.99
C HIS A 288 14.70 10.30 9.96
N ALA A 289 14.36 9.49 10.97
CA ALA A 289 15.39 9.02 11.88
C ALA A 289 16.45 8.21 11.13
N ILE A 290 16.00 7.30 10.26
CA ILE A 290 16.94 6.47 9.50
C ILE A 290 17.85 7.34 8.63
N LEU A 291 17.28 8.34 7.97
CA LEU A 291 18.09 9.18 7.10
C LEU A 291 19.08 10.02 7.88
N ALA A 292 18.86 10.20 9.18
CA ALA A 292 19.80 10.88 10.04
C ALA A 292 20.92 9.99 10.58
N GLN A 293 20.85 8.68 10.33
CA GLN A 293 21.87 7.77 10.81
C GLN A 293 23.02 7.65 9.81
N PRO A 294 24.19 7.19 10.27
CA PRO A 294 25.33 7.07 9.36
C PRO A 294 24.96 6.18 8.18
N GLY A 295 25.20 6.68 6.98
CA GLY A 295 24.91 5.93 5.78
C GLY A 295 23.50 6.01 5.32
N ARG A 296 22.60 6.63 6.09
CA ARG A 296 21.20 6.76 5.70
C ARG A 296 20.48 5.42 5.60
N TYR A 297 20.89 4.46 6.43
CA TYR A 297 20.27 3.16 6.52
C TYR A 297 20.22 2.73 7.98
N THR A 298 19.43 1.68 8.22
CA THR A 298 19.33 1.04 9.52
C THR A 298 19.45 -0.47 9.34
N TYR A 299 19.71 -1.14 10.44
CA TYR A 299 19.51 -2.58 10.55
C TYR A 299 18.24 -2.83 11.35
N VAL A 300 17.60 -3.95 11.05
CA VAL A 300 16.44 -4.45 11.77
C VAL A 300 16.85 -5.82 12.30
N LEU A 301 16.71 -6.01 13.61
CA LEU A 301 17.25 -7.19 14.29
C LEU A 301 16.19 -7.85 15.15
N TRP A 302 16.04 -9.15 15.01
CA TRP A 302 15.10 -9.88 15.85
C TRP A 302 15.51 -11.33 15.92
N ASN A 303 14.83 -12.09 16.79
CA ASN A 303 15.20 -13.48 17.04
C ASN A 303 14.05 -14.45 16.79
N GLN A 304 14.37 -15.73 17.00
CA GLN A 304 13.39 -16.79 16.82
C GLN A 304 12.18 -16.62 17.74
N ASP A 305 12.39 -16.17 18.98
CA ASP A 305 11.25 -15.95 19.86
C ASP A 305 10.25 -14.97 19.26
N ILE A 306 10.73 -13.92 18.61
CA ILE A 306 9.83 -13.00 17.93
C ILE A 306 9.18 -13.65 16.72
N GLU A 307 9.96 -14.38 15.91
CA GLU A 307 9.36 -15.06 14.74
C GLU A 307 8.28 -16.05 15.15
N ASN A 308 8.43 -16.69 16.32
CA ASN A 308 7.45 -17.68 16.73
C ASN A 308 6.10 -17.07 17.04
N VAL A 309 6.03 -15.76 17.28
CA VAL A 309 4.75 -15.08 17.42
CA VAL A 309 4.76 -15.05 17.43
C VAL A 309 4.39 -14.28 16.16
N ALA A 310 5.38 -13.67 15.50
CA ALA A 310 5.11 -12.75 14.39
C ALA A 310 4.92 -13.46 13.05
N HIS A 311 5.69 -14.51 12.79
CA HIS A 311 5.61 -15.30 11.55
C HIS A 311 5.98 -14.53 10.30
N THR A 312 6.67 -13.39 10.43
CA THR A 312 6.99 -12.60 9.25
C THR A 312 8.05 -13.24 8.38
N VAL A 313 8.91 -14.10 8.92
CA VAL A 313 9.85 -14.84 8.08
C VAL A 313 9.10 -15.92 7.31
N GLU A 314 8.28 -16.70 8.01
CA GLU A 314 7.50 -17.76 7.38
C GLU A 314 6.59 -17.21 6.29
N MET A 315 6.04 -16.02 6.47
CA MET A 315 5.08 -15.49 5.51
C MET A 315 5.75 -14.78 4.33
N HIS A 316 7.04 -14.46 4.42
CA HIS A 316 7.70 -13.66 3.39
C HIS A 316 9.00 -14.31 2.97
N GLN A 317 8.93 -15.58 2.57
CA GLN A 317 10.12 -16.35 2.30
C GLN A 317 10.82 -15.93 1.03
N GLY A 318 10.08 -15.39 0.05
CA GLY A 318 10.72 -14.83 -1.12
C GLY A 318 11.63 -13.68 -0.76
N GLU A 319 11.16 -12.79 0.12
CA GLU A 319 12.01 -11.70 0.60
C GLU A 319 13.24 -12.24 1.32
N LEU A 320 13.04 -13.22 2.20
CA LEU A 320 14.18 -13.81 2.89
C LEU A 320 15.25 -14.21 1.87
N LYS A 321 14.85 -14.97 0.87
CA LYS A 321 15.83 -15.47 -0.08
C LYS A 321 16.48 -14.35 -0.88
N GLU A 322 15.69 -13.36 -1.31
CA GLU A 322 16.22 -12.30 -2.16
C GLU A 322 17.12 -11.37 -1.38
N PHE A 323 16.66 -10.91 -0.20
CA PHE A 323 17.50 -10.02 0.60
C PHE A 323 18.79 -10.72 1.02
N THR A 324 18.73 -12.01 1.34
CA THR A 324 19.94 -12.75 1.70
C THR A 324 20.89 -12.84 0.51
N LYS A 325 20.36 -13.14 -0.68
CA LYS A 325 21.21 -13.22 -1.87
C LYS A 325 21.86 -11.88 -2.16
N ASP A 326 21.18 -10.77 -1.86
CA ASP A 326 21.69 -9.43 -2.12
C ASP A 326 22.66 -8.94 -1.05
N GLY A 327 22.92 -9.75 -0.02
CA GLY A 327 23.82 -9.33 1.03
C GLY A 327 23.20 -8.32 1.98
N LEU A 328 21.88 -8.25 2.00
CA LEU A 328 21.15 -7.32 2.84
C LEU A 328 20.57 -7.99 4.07
N MET A 329 20.62 -9.31 4.16
CA MET A 329 20.03 -10.01 5.29
C MET A 329 20.91 -11.20 5.60
N TYR A 330 21.02 -11.49 6.89
CA TYR A 330 21.74 -12.65 7.38
C TYR A 330 20.96 -13.29 8.50
N LYS A 331 21.02 -14.62 8.56
CA LYS A 331 20.53 -15.41 9.68
C LYS A 331 21.77 -15.90 10.41
N VAL A 332 21.85 -15.57 11.70
CA VAL A 332 23.05 -15.82 12.48
C VAL A 332 22.69 -16.42 13.83
N ASP A 333 23.64 -17.14 14.40
N ASP A 333 23.64 -17.14 14.42
CA ASP A 333 23.39 -17.82 15.66
CA ASP A 333 23.37 -17.83 15.68
C ASP A 333 23.43 -16.85 16.84
C ASP A 333 23.60 -16.97 16.92
N THR A 334 24.35 -15.89 16.82
CA THR A 334 24.65 -15.05 17.97
C THR A 334 24.67 -13.58 17.58
N LEU A 335 24.53 -12.74 18.60
CA LEU A 335 24.64 -11.30 18.42
C LEU A 335 26.02 -10.92 17.96
N GLU A 336 27.03 -11.65 18.43
CA GLU A 336 28.37 -11.38 17.98
C GLU A 336 28.50 -11.57 16.47
N GLU A 337 27.89 -12.62 15.93
N GLU A 337 27.90 -12.62 15.94
CA GLU A 337 27.92 -12.83 14.49
CA GLU A 337 27.92 -12.84 14.49
C GLU A 337 27.10 -11.79 13.75
C GLU A 337 27.10 -11.80 13.75
N ALA A 338 25.97 -11.36 14.34
CA ALA A 338 25.18 -10.29 13.73
C ALA A 338 26.02 -9.03 13.59
N ALA A 339 26.83 -8.73 14.59
CA ALA A 339 27.68 -7.55 14.48
C ALA A 339 28.73 -7.77 13.40
N LYS A 340 29.33 -8.96 13.36
CA LYS A 340 30.41 -9.22 12.41
C LYS A 340 29.96 -9.07 10.96
N VAL A 341 28.78 -9.62 10.61
CA VAL A 341 28.41 -9.67 9.19
C VAL A 341 28.22 -8.27 8.62
N PHE A 342 27.85 -7.30 9.45
CA PHE A 342 27.60 -5.93 9.00
C PHE A 342 28.60 -4.93 9.59
N ASN A 343 29.69 -5.40 10.14
CA ASN A 343 30.75 -4.52 10.65
C ASN A 343 30.24 -3.53 11.69
N ILE A 344 29.33 -4.01 12.53
CA ILE A 344 28.79 -3.19 13.61
C ILE A 344 29.70 -3.38 14.81
N PRO A 345 30.02 -2.33 15.56
CA PRO A 345 30.89 -2.52 16.73
C PRO A 345 30.25 -3.50 17.71
N GLU A 346 30.99 -4.55 18.06
CA GLU A 346 30.41 -5.62 18.86
C GLU A 346 30.01 -5.15 20.25
N ASP A 347 30.92 -4.46 20.96
CA ASP A 347 30.62 -4.09 22.34
CA ASP A 347 30.63 -4.07 22.33
C ASP A 347 29.39 -3.18 22.41
N LYS A 348 29.25 -2.26 21.45
CA LYS A 348 28.08 -1.38 21.45
C LYS A 348 26.81 -2.16 21.19
N LEU A 349 26.83 -3.11 20.24
CA LEU A 349 25.63 -3.90 20.01
C LEU A 349 25.26 -4.69 21.26
N LEU A 350 26.25 -5.31 21.91
CA LEU A 350 25.95 -6.15 23.06
C LEU A 350 25.39 -5.31 24.20
N SER A 351 25.91 -4.10 24.39
CA SER A 351 25.41 -3.23 25.46
CA SER A 351 25.40 -3.27 25.48
C SER A 351 24.00 -2.75 25.15
N THR A 352 23.75 -2.41 23.89
CA THR A 352 22.40 -2.04 23.48
C THR A 352 21.42 -3.16 23.79
N ILE A 353 21.77 -4.39 23.44
CA ILE A 353 20.84 -5.50 23.66
C ILE A 353 20.70 -5.84 25.15
N LYS A 354 21.76 -5.70 25.93
CA LYS A 354 21.61 -5.85 27.38
CA LYS A 354 21.61 -5.85 27.38
C LYS A 354 20.56 -4.89 27.93
N ASP A 355 20.58 -3.63 27.47
CA ASP A 355 19.54 -2.69 27.87
C ASP A 355 18.17 -3.14 27.38
N VAL A 356 18.05 -3.53 26.11
CA VAL A 356 16.78 -4.03 25.58
C VAL A 356 16.24 -5.17 26.45
N ASN A 357 17.11 -6.11 26.83
CA ASN A 357 16.65 -7.24 27.62
C ASN A 357 16.10 -6.79 28.96
N HIS A 358 16.74 -5.80 29.58
CA HIS A 358 16.21 -5.26 30.83
C HIS A 358 14.87 -4.58 30.61
N TYR A 359 14.76 -3.75 29.56
CA TYR A 359 13.51 -3.06 29.26
C TYR A 359 12.40 -4.05 28.94
N ALA A 360 12.75 -5.17 28.32
CA ALA A 360 11.75 -6.19 28.01
C ALA A 360 11.21 -6.79 29.29
N ALA A 361 12.08 -7.03 30.25
CA ALA A 361 11.67 -7.65 31.50
C ALA A 361 10.78 -6.73 32.32
N THR A 362 11.07 -5.42 32.33
CA THR A 362 10.31 -4.48 33.13
C THR A 362 9.11 -3.90 32.39
N GLY A 363 9.13 -3.98 31.06
CA GLY A 363 8.11 -3.34 30.25
C GLY A 363 8.34 -1.86 30.05
N LYS A 364 9.48 -1.34 30.49
CA LYS A 364 9.77 0.09 30.46
C LYS A 364 11.06 0.31 29.69
N ASP A 365 10.91 0.82 28.46
CA ASP A 365 12.03 1.14 27.58
C ASP A 365 12.54 2.52 27.96
N GLU A 366 13.62 2.55 28.72
CA GLU A 366 14.18 3.79 29.25
C GLU A 366 15.00 4.56 28.20
N ALA A 367 15.13 4.03 27.00
CA ALA A 367 15.84 4.75 25.95
C ALA A 367 14.89 5.42 24.96
N PHE A 368 13.82 4.73 24.53
CA PHE A 368 12.93 5.25 23.50
C PHE A 368 11.46 5.05 23.79
N ASN A 369 11.08 4.52 24.95
CA ASN A 369 9.69 4.40 25.34
C ASN A 369 8.84 3.61 24.35
N HIS A 370 9.38 2.48 23.87
CA HIS A 370 8.62 1.57 23.00
C HIS A 370 7.20 1.34 23.53
N ARG A 371 6.21 1.58 22.66
CA ARG A 371 4.84 1.70 23.15
C ARG A 371 4.20 0.37 23.51
N SER A 372 4.63 -0.74 22.92
CA SER A 372 3.96 -2.00 23.18
C SER A 372 4.80 -2.96 24.01
N GLY A 373 6.09 -2.71 24.14
CA GLY A 373 6.94 -3.53 24.99
C GLY A 373 7.99 -4.32 24.23
N LEU A 374 9.22 -4.24 24.68
CA LEU A 374 10.29 -4.98 24.03
C LEU A 374 10.25 -6.45 24.43
N VAL A 375 10.98 -7.26 23.67
CA VAL A 375 11.06 -8.70 23.87
C VAL A 375 12.53 -9.07 24.02
N ASP A 376 12.81 -9.95 24.96
CA ASP A 376 14.19 -10.34 25.22
C ASP A 376 14.85 -10.90 23.96
N LEU A 377 16.07 -10.42 23.72
CA LEU A 377 16.87 -10.78 22.56
C LEU A 377 18.18 -11.47 22.94
N SER A 378 18.21 -12.09 24.12
CA SER A 378 19.45 -12.73 24.57
C SER A 378 19.76 -14.04 23.85
N LYS A 379 18.75 -14.69 23.28
CA LYS A 379 18.87 -16.01 22.67
C LYS A 379 18.51 -15.93 21.19
N GLY A 380 19.31 -16.63 20.37
CA GLY A 380 19.10 -16.68 18.94
C GLY A 380 18.40 -17.94 18.49
N PRO A 381 18.40 -18.21 17.17
CA PRO A 381 19.07 -17.40 16.16
C PRO A 381 18.39 -16.08 15.88
N TYR A 382 19.06 -15.29 15.06
CA TYR A 382 18.67 -13.93 14.77
C TYR A 382 18.62 -13.71 13.27
N TRP A 383 17.74 -12.81 12.85
CA TRP A 383 17.82 -12.23 11.52
C TRP A 383 18.24 -10.78 11.70
N ILE A 384 19.11 -10.32 10.82
CA ILE A 384 19.49 -8.91 10.74
C ILE A 384 19.40 -8.48 9.28
N LEU A 385 18.66 -7.40 9.05
CA LEU A 385 18.36 -6.89 7.73
C LEU A 385 18.76 -5.44 7.62
N LYS A 386 19.38 -5.08 6.51
CA LYS A 386 19.72 -3.69 6.20
C LYS A 386 18.61 -3.06 5.38
N ALA A 387 18.21 -1.84 5.76
CA ALA A 387 17.03 -1.20 5.16
C ALA A 387 17.18 0.32 5.11
N THR A 388 16.46 0.91 4.15
CA THR A 388 16.46 2.35 3.95
C THR A 388 15.13 2.76 3.35
N PRO A 389 14.73 4.02 3.45
CA PRO A 389 13.44 4.40 2.88
C PRO A 389 13.41 4.36 1.36
N SER A 390 12.21 4.08 0.82
CA SER A 390 11.98 4.01 -0.61
C SER A 390 10.62 4.62 -0.94
N VAL A 391 10.47 5.19 -2.14
CA VAL A 391 9.24 5.86 -2.52
C VAL A 391 8.11 4.84 -2.65
N HIS A 392 6.91 5.18 -2.10
CA HIS A 392 5.91 4.14 -1.86
C HIS A 392 4.52 4.46 -2.37
N HIS A 393 4.06 5.69 -2.27
CA HIS A 393 2.67 5.96 -2.63
C HIS A 393 2.54 7.42 -3.03
N THR A 394 1.74 7.66 -4.06
CA THR A 394 1.52 9.02 -4.59
C THR A 394 0.11 9.46 -4.22
N MET A 395 0.02 10.31 -3.17
CA MET A 395 -1.28 10.71 -2.66
C MET A 395 -2.06 11.59 -3.63
N GLY A 396 -1.40 12.29 -4.52
CA GLY A 396 -2.07 13.13 -5.49
C GLY A 396 -2.61 12.34 -6.65
N GLY A 397 -3.18 13.07 -7.58
CA GLY A 397 -3.78 12.48 -8.76
C GLY A 397 -5.04 13.20 -9.16
N LEU A 398 -5.89 12.46 -9.86
CA LEU A 398 -7.07 13.04 -10.49
C LEU A 398 -8.08 13.52 -9.47
N VAL A 399 -8.75 14.62 -9.85
CA VAL A 399 -9.85 15.20 -9.10
C VAL A 399 -11.13 14.46 -9.48
N VAL A 400 -11.82 13.91 -8.48
CA VAL A 400 -13.09 13.23 -8.64
C VAL A 400 -14.05 13.77 -7.60
N ASP A 401 -15.34 13.52 -7.83
CA ASP A 401 -16.34 13.71 -6.78
C ASP A 401 -16.50 12.39 -6.01
N THR A 402 -17.35 12.38 -4.97
CA THR A 402 -17.53 11.16 -4.19
C THR A 402 -18.27 10.07 -4.95
N ARG A 403 -18.78 10.36 -6.15
CA ARG A 403 -19.32 9.35 -7.05
C ARG A 403 -18.28 8.86 -8.05
N THR A 404 -17.01 9.22 -7.85
CA THR A 404 -15.88 8.84 -8.68
C THR A 404 -15.86 9.50 -10.05
N ARG A 405 -16.77 10.42 -10.34
CA ARG A 405 -16.75 11.11 -11.63
C ARG A 405 -15.54 12.02 -11.69
N VAL A 406 -14.80 11.97 -12.79
CA VAL A 406 -13.63 12.82 -12.95
C VAL A 406 -14.08 14.22 -13.34
N LEU A 407 -13.45 15.23 -12.74
CA LEU A 407 -13.82 16.61 -12.97
C LEU A 407 -12.75 17.28 -13.81
N ASP A 408 -13.18 18.25 -14.60
CA ASP A 408 -12.26 19.02 -15.41
C ASP A 408 -11.74 20.18 -14.59
N GLU A 409 -10.99 21.06 -15.26
CA GLU A 409 -10.26 22.15 -14.61
C GLU A 409 -11.19 23.23 -14.10
N GLN A 410 -12.46 23.23 -14.49
CA GLN A 410 -13.47 24.12 -13.93
C GLN A 410 -14.42 23.41 -12.96
N GLY A 411 -14.11 22.17 -12.59
CA GLY A 411 -14.95 21.44 -11.66
C GLY A 411 -16.16 20.77 -12.26
N LYS A 412 -16.27 20.75 -13.58
CA LYS A 412 -17.38 20.12 -14.28
C LYS A 412 -17.12 18.63 -14.51
N VAL A 413 -18.14 17.81 -14.29
CA VAL A 413 -18.05 16.38 -14.58
C VAL A 413 -17.70 16.16 -16.05
N ILE A 414 -16.74 15.27 -16.30
CA ILE A 414 -16.44 14.78 -17.64
C ILE A 414 -17.31 13.55 -17.87
N PRO A 415 -18.34 13.63 -18.69
CA PRO A 415 -19.24 12.50 -18.86
C PRO A 415 -18.48 11.26 -19.29
N GLY A 416 -18.86 10.13 -18.71
CA GLY A 416 -18.34 8.85 -19.11
C GLY A 416 -17.02 8.49 -18.48
N LEU A 417 -16.47 9.34 -17.62
CA LEU A 417 -15.13 9.11 -17.08
C LEU A 417 -15.18 9.04 -15.55
N PHE A 418 -14.63 7.97 -15.01
CA PHE A 418 -14.57 7.72 -13.58
C PHE A 418 -13.16 7.33 -13.22
N ALA A 419 -12.80 7.51 -11.96
CA ALA A 419 -11.47 7.10 -11.52
C ALA A 419 -11.53 6.67 -10.07
N ALA A 420 -10.69 5.69 -9.71
CA ALA A 420 -10.71 5.15 -8.37
C ALA A 420 -9.32 4.62 -8.02
N GLY A 421 -8.97 4.74 -6.75
CA GLY A 421 -7.74 4.20 -6.23
C GLY A 421 -6.63 5.22 -6.15
N GLU A 422 -5.39 4.71 -6.16
CA GLU A 422 -4.22 5.56 -5.98
C GLU A 422 -4.07 6.60 -7.09
N VAL A 423 -4.74 6.40 -8.24
CA VAL A 423 -4.74 7.41 -9.29
C VAL A 423 -5.44 8.68 -8.89
N THR A 424 -6.31 8.66 -7.87
CA THR A 424 -7.02 9.86 -7.46
C THR A 424 -6.23 10.60 -6.39
N GLY A 425 -6.58 11.88 -6.21
CA GLY A 425 -5.76 12.76 -5.40
C GLY A 425 -6.41 13.53 -4.28
N LEU A 426 -7.59 13.14 -3.79
CA LEU A 426 -8.36 13.96 -2.86
C LEU A 426 -8.64 13.31 -1.50
N THR A 427 -8.25 12.07 -1.30
CA THR A 427 -8.61 11.41 -0.06
C THR A 427 -7.61 11.63 1.05
N HIS A 428 -6.33 11.48 0.75
CA HIS A 428 -5.31 11.27 1.78
C HIS A 428 -4.56 12.52 2.19
N GLY A 429 -4.94 13.67 1.65
CA GLY A 429 -4.22 14.90 1.97
C GLY A 429 -2.72 14.80 1.70
N THR A 430 -1.92 15.33 2.62
CA THR A 430 -0.48 15.36 2.51
C THR A 430 0.20 14.04 2.85
N ASN A 431 -0.53 13.08 3.42
CA ASN A 431 0.08 11.91 4.03
C ASN A 431 -0.98 10.85 4.27
N ARG A 432 -0.92 9.76 3.51
CA ARG A 432 -1.82 8.64 3.71
C ARG A 432 -1.38 7.82 4.90
N LEU A 433 -2.34 7.46 5.76
CA LEU A 433 -2.07 6.55 6.85
C LEU A 433 -1.98 5.12 6.34
N GLY A 434 -1.10 4.35 6.97
CA GLY A 434 -0.99 2.94 6.67
C GLY A 434 -2.34 2.27 6.76
N GLY A 435 -2.60 1.33 5.84
CA GLY A 435 -3.85 0.60 5.74
C GLY A 435 -4.98 1.34 5.10
N ASN A 436 -4.82 2.63 4.79
CA ASN A 436 -5.94 3.39 4.22
C ASN A 436 -5.97 3.35 2.70
N ALA A 437 -4.90 2.87 2.04
CA ALA A 437 -5.01 2.77 0.60
C ALA A 437 -5.97 1.66 0.22
N TYR A 438 -5.88 0.54 0.92
CA TYR A 438 -6.78 -0.59 0.59
C TYR A 438 -8.23 -0.18 0.85
N THR A 439 -8.50 0.54 1.93
CA THR A 439 -9.88 0.97 2.14
C THR A 439 -10.36 1.83 0.98
N ASP A 440 -9.53 2.79 0.56
CA ASP A 440 -9.86 3.70 -0.54
CA ASP A 440 -9.85 3.69 -0.53
C ASP A 440 -10.09 2.93 -1.85
N ILE A 441 -9.19 2.01 -2.20
CA ILE A 441 -9.30 1.40 -3.51
C ILE A 441 -10.54 0.52 -3.62
N ILE A 442 -10.91 -0.18 -2.52
CA ILE A 442 -12.10 -1.04 -2.60
C ILE A 442 -13.38 -0.20 -2.57
N VAL A 443 -13.48 0.73 -1.63
CA VAL A 443 -14.69 1.55 -1.55
C VAL A 443 -14.94 2.27 -2.86
N TYR A 444 -13.92 2.97 -3.37
CA TYR A 444 -14.11 3.76 -4.57
C TYR A 444 -14.10 2.94 -5.86
N GLY A 445 -13.41 1.80 -5.88
CA GLY A 445 -13.52 0.91 -7.01
C GLY A 445 -14.93 0.40 -7.16
N ARG A 446 -15.56 0.03 -6.04
CA ARG A 446 -16.94 -0.44 -6.12
C ARG A 446 -17.86 0.67 -6.63
N ILE A 447 -17.70 1.88 -6.08
CA ILE A 447 -18.56 2.99 -6.50
C ILE A 447 -18.36 3.28 -7.99
N ALA A 448 -17.10 3.24 -8.45
CA ALA A 448 -16.84 3.52 -9.86
C ALA A 448 -17.52 2.53 -10.77
N GLY A 449 -17.50 1.25 -10.42
CA GLY A 449 -18.19 0.27 -11.26
C GLY A 449 -19.69 0.44 -11.21
N GLN A 450 -20.22 0.76 -10.03
CA GLN A 450 -21.65 1.02 -9.90
C GLN A 450 -22.08 2.23 -10.73
N GLU A 451 -21.31 3.31 -10.65
CA GLU A 451 -21.67 4.53 -11.35
C GLU A 451 -21.48 4.37 -12.85
N ALA A 452 -20.38 3.73 -13.26
CA ALA A 452 -20.12 3.55 -14.67
C ALA A 452 -21.19 2.68 -15.31
N ALA A 453 -21.75 1.74 -14.56
CA ALA A 453 -22.74 0.82 -15.09
C ALA A 453 -24.11 1.45 -15.21
N LYS A 454 -24.34 2.56 -14.53
CA LYS A 454 -25.64 3.21 -14.59
C LYS A 454 -25.92 3.66 -16.01
#